data_1SEQ
#
_entry.id   1SEQ
#
_cell.length_a   52.731
_cell.length_b   67.546
_cell.length_c   111.431
_cell.angle_alpha   90.00
_cell.angle_beta   90.00
_cell.angle_gamma   90.00
#
_symmetry.space_group_name_H-M   'P 21 21 21'
#
loop_
_entity.id
_entity.type
_entity.pdbx_description
1 polymer 'Monoclonal Antibody MNAC13'
2 polymer 'Monoclonal Antibody MNAC13'
3 non-polymer 2-AMINO-2-HYDROXYMETHYL-PROPANE-1,3-DIOL
4 non-polymer 'ISOPROPYL ALCOHOL'
5 non-polymer 'SULFATE ION'
6 water water
#
loop_
_entity_poly.entity_id
_entity_poly.type
_entity_poly.pdbx_seq_one_letter_code
_entity_poly.pdbx_strand_id
1 'polypeptide(L)'
;DIVLTQSPAIMSASLGSSVTLTCSASSSVSYMHWYQQKSGTSPVLLIYTTSNLASGVPSRFSGSGSGTFYSLTISSVEAS
DAADYYCHQWSSYPWTFGGGTKLEIKRADAAPTVSIFPPSSEQLTSGGASVVCFLNNFYPKSINSKWKIDGSERQNGVLN
SWTDQDSKDSTYSMSSTLTLTKNEYERHNSYTCEATHKTSTSPIVKSFNRSEC
;
L
2 'polypeptide(L)'
;EVKLVESGGGLVQPGGSLKLSCAASGFTFSTYTMSWARQTPEKKLEWVAYISKGGGSTYYPDTVKGRFTISRDNAKNTLY
LQMSSLKSEDTALYYCARGAMFGNDFKYPMDRWGQGTSVTVSSAATTPPSVYPLAPGSAAQTNSMVTLGCLVKGYFPEPV
TVTWNSGSLSSGVHTFPAVLKSDLYTLSSSVTVPSSVWPSETVTCNVAHPASSTTVDKKIVPRDC
;
H
#
loop_
_chem_comp.id
_chem_comp.type
_chem_comp.name
_chem_comp.formula
IPA non-polymer 'ISOPROPYL ALCOHOL' 'C3 H8 O'
SO4 non-polymer 'SULFATE ION' 'O4 S -2'
TRS non-polymer 2-AMINO-2-HYDROXYMETHYL-PROPANE-1,3-DIOL 'C4 H12 N O3 1'
#
# COMPACT_ATOMS: atom_id res chain seq x y z
N ASP A 1 19.11 -19.19 4.37
CA ASP A 1 17.66 -19.42 4.09
C ASP A 1 16.94 -19.69 5.41
N ILE A 2 17.24 -18.90 6.44
CA ILE A 2 16.61 -19.05 7.74
C ILE A 2 15.16 -18.60 7.71
N VAL A 3 14.26 -19.49 8.13
CA VAL A 3 12.85 -19.18 8.14
C VAL A 3 12.44 -18.53 9.46
N LEU A 4 11.85 -17.34 9.34
CA LEU A 4 11.39 -16.60 10.51
C LEU A 4 9.87 -16.69 10.55
N THR A 5 9.34 -17.32 11.60
CA THR A 5 7.90 -17.50 11.74
C THR A 5 7.24 -16.56 12.74
N GLN A 6 6.29 -15.78 12.26
CA GLN A 6 5.55 -14.85 13.11
C GLN A 6 4.10 -15.34 13.21
N SER A 7 3.71 -15.80 14.38
CA SER A 7 2.36 -16.30 14.60
C SER A 7 1.84 -15.74 15.93
N PRO A 8 0.56 -15.31 15.99
CA PRO A 8 -0.44 -15.31 14.91
C PRO A 8 -0.11 -14.25 13.87
N ALA A 9 -0.65 -14.42 12.66
CA ALA A 9 -0.43 -13.46 11.58
C ALA A 9 -1.19 -12.15 11.87
N ILE A 10 -2.25 -12.25 12.66
CA ILE A 10 -3.04 -11.09 13.00
C ILE A 10 -3.37 -11.13 14.48
N MET A 11 -3.05 -10.05 15.19
CA MET A 11 -3.34 -9.98 16.62
C MET A 11 -4.20 -8.75 16.86
N SER A 12 -5.02 -8.81 17.90
CA SER A 12 -5.90 -7.68 18.21
C SER A 12 -5.56 -7.12 19.59
N ALA A 13 -5.49 -5.80 19.71
CA ALA A 13 -5.15 -5.19 20.98
C ALA A 13 -6.05 -4.04 21.38
N SER A 14 -6.27 -3.91 22.68
CA SER A 14 -7.09 -2.86 23.22
C SER A 14 -6.21 -1.64 23.50
N LEU A 15 -6.79 -0.45 23.43
CA LEU A 15 -6.03 0.77 23.69
C LEU A 15 -5.50 0.77 25.13
N GLY A 16 -4.22 1.06 25.28
CA GLY A 16 -3.62 1.11 26.60
C GLY A 16 -3.05 -0.18 27.16
N SER A 17 -3.37 -1.32 26.54
CA SER A 17 -2.84 -2.58 27.06
C SER A 17 -1.51 -2.95 26.42
N SER A 18 -0.83 -3.93 27.00
CA SER A 18 0.46 -4.37 26.49
C SER A 18 0.27 -5.64 25.67
N VAL A 19 1.02 -5.75 24.58
CA VAL A 19 0.93 -6.93 23.74
C VAL A 19 2.34 -7.31 23.30
N THR A 20 2.56 -8.59 23.08
CA THR A 20 3.87 -9.08 22.65
C THR A 20 3.76 -9.89 21.36
N LEU A 21 4.62 -9.57 20.39
CA LEU A 21 4.62 -10.24 19.09
C LEU A 21 5.86 -11.12 19.06
N THR A 22 5.73 -12.34 18.58
CA THR A 22 6.86 -13.27 18.57
C THR A 22 7.42 -13.62 17.20
N CYS A 23 8.65 -14.13 17.20
CA CYS A 23 9.32 -14.51 15.98
C CYS A 23 10.24 -15.67 16.30
N SER A 24 9.94 -16.84 15.74
CA SER A 24 10.77 -18.02 15.97
C SER A 24 11.58 -18.33 14.71
N ALA A 25 12.81 -18.76 14.89
CA ALA A 25 13.71 -19.04 13.77
C ALA A 25 13.99 -20.53 13.58
N SER A 26 14.21 -20.92 12.33
CA SER A 26 14.53 -22.29 11.98
C SER A 26 16.00 -22.61 12.31
N SER A 27 16.76 -21.56 12.59
CA SER A 27 18.18 -21.71 12.94
C SER A 27 18.56 -20.67 14.00
N SER A 28 19.48 -21.03 14.90
CA SER A 28 19.91 -20.09 15.94
C SER A 28 20.47 -18.87 15.23
N VAL A 29 20.19 -17.68 15.77
CA VAL A 29 20.70 -16.43 15.21
C VAL A 29 21.18 -15.53 16.36
N SER A 30 22.25 -14.78 16.12
CA SER A 30 22.81 -13.94 17.16
C SER A 30 21.95 -12.76 17.60
N TYR A 31 21.27 -12.13 16.65
CA TYR A 31 20.42 -10.99 16.93
C TYR A 31 19.18 -11.00 16.05
N MET A 32 18.18 -10.21 16.44
CA MET A 32 16.96 -10.07 15.63
C MET A 32 16.68 -8.57 15.58
N HIS A 33 16.05 -8.13 14.49
CA HIS A 33 15.72 -6.72 14.28
C HIS A 33 14.24 -6.66 13.91
N TRP A 34 13.61 -5.52 14.15
CA TRP A 34 12.19 -5.37 13.86
C TRP A 34 11.82 -4.10 13.12
N TYR A 35 10.93 -4.25 12.15
CA TYR A 35 10.42 -3.14 11.34
C TYR A 35 8.92 -2.98 11.50
N GLN A 36 8.45 -1.76 11.28
CA GLN A 36 7.03 -1.46 11.34
C GLN A 36 6.63 -0.89 9.98
N GLN A 37 5.55 -1.41 9.41
CA GLN A 37 5.10 -0.87 8.13
C GLN A 37 3.66 -0.37 8.24
N LYS A 38 3.51 0.95 8.11
CA LYS A 38 2.18 1.56 8.17
C LYS A 38 1.68 1.72 6.74
N SER A 39 0.38 1.97 6.61
CA SER A 39 -0.27 2.12 5.32
C SER A 39 0.39 3.12 4.35
N GLY A 40 0.72 2.63 3.16
CA GLY A 40 1.32 3.49 2.15
C GLY A 40 2.78 3.90 2.29
N THR A 41 3.48 3.40 3.30
CA THR A 41 4.88 3.76 3.44
C THR A 41 5.79 2.54 3.56
N SER A 42 7.09 2.75 3.34
CA SER A 42 8.03 1.64 3.41
C SER A 42 8.33 1.27 4.86
N PRO A 43 8.82 0.05 5.10
CA PRO A 43 9.13 -0.40 6.45
C PRO A 43 10.08 0.53 7.19
N VAL A 44 9.77 0.79 8.46
CA VAL A 44 10.61 1.67 9.28
C VAL A 44 11.25 0.85 10.41
N LEU A 45 12.53 1.06 10.67
CA LEU A 45 13.21 0.30 11.73
C LEU A 45 12.72 0.70 13.12
N LEU A 46 12.35 -0.29 13.93
CA LEU A 46 11.89 -0.02 15.29
C LEU A 46 12.94 -0.44 16.31
N ILE A 47 13.40 -1.69 16.17
CA ILE A 47 14.37 -2.25 17.11
C ILE A 47 15.55 -2.88 16.38
N TYR A 48 16.77 -2.58 16.82
CA TYR A 48 17.94 -3.19 16.23
C TYR A 48 18.77 -3.91 17.31
N THR A 49 19.51 -4.91 16.88
CA THR A 49 20.34 -5.72 17.75
C THR A 49 19.53 -6.22 18.94
N THR A 50 18.37 -6.81 18.60
CA THR A 50 17.46 -7.42 19.57
C THR A 50 16.66 -6.55 20.54
N SER A 51 17.32 -5.57 21.15
CA SER A 51 16.66 -4.76 22.16
C SER A 51 16.90 -3.26 22.12
N ASN A 52 17.57 -2.77 21.09
CA ASN A 52 17.85 -1.34 21.02
C ASN A 52 16.82 -0.56 20.22
N LEU A 53 16.31 0.52 20.80
CA LEU A 53 15.33 1.36 20.14
C LEU A 53 15.97 2.26 19.10
N ALA A 54 15.40 2.28 17.90
CA ALA A 54 15.94 3.12 16.84
C ALA A 54 15.57 4.59 17.11
N SER A 55 16.31 5.50 16.49
CA SER A 55 16.06 6.93 16.67
C SER A 55 14.60 7.31 16.43
N GLY A 56 14.01 8.05 17.36
CA GLY A 56 12.64 8.50 17.20
C GLY A 56 11.51 7.55 17.55
N VAL A 57 11.86 6.34 17.97
CA VAL A 57 10.87 5.34 18.32
C VAL A 57 10.43 5.47 19.78
N PRO A 58 9.12 5.53 20.04
CA PRO A 58 8.66 5.66 21.41
C PRO A 58 9.14 4.54 22.34
N SER A 59 9.40 4.90 23.59
CA SER A 59 9.88 3.97 24.60
C SER A 59 8.88 2.90 24.98
N ARG A 60 7.65 2.99 24.48
CA ARG A 60 6.68 1.95 24.79
C ARG A 60 7.03 0.68 24.00
N PHE A 61 8.00 0.77 23.08
CA PHE A 61 8.45 -0.38 22.32
C PHE A 61 9.68 -0.98 22.99
N SER A 62 9.76 -2.30 23.01
CA SER A 62 10.93 -2.97 23.57
C SER A 62 11.09 -4.34 22.90
N GLY A 63 12.28 -4.92 23.01
CA GLY A 63 12.49 -6.23 22.42
C GLY A 63 13.43 -7.09 23.22
N SER A 64 13.27 -8.41 23.12
CA SER A 64 14.15 -9.32 23.84
C SER A 64 14.22 -10.62 23.05
N GLY A 65 15.20 -11.46 23.34
CA GLY A 65 15.30 -12.71 22.63
C GLY A 65 16.68 -13.30 22.64
N SER A 66 16.77 -14.53 22.16
CA SER A 66 18.02 -15.26 22.11
C SER A 66 17.78 -16.57 21.35
N GLY A 67 18.84 -17.13 20.80
CA GLY A 67 18.72 -18.40 20.11
C GLY A 67 17.78 -18.39 18.92
N THR A 68 16.64 -19.05 19.06
CA THR A 68 15.65 -19.10 17.99
C THR A 68 14.33 -18.46 18.38
N PHE A 69 14.29 -17.81 19.54
CA PHE A 69 13.05 -17.17 19.96
C PHE A 69 13.22 -15.71 20.38
N TYR A 70 12.55 -14.83 19.65
CA TYR A 70 12.62 -13.40 19.90
C TYR A 70 11.24 -12.75 19.97
N SER A 71 11.15 -11.58 20.57
CA SER A 71 9.86 -10.92 20.67
C SER A 71 9.95 -9.40 20.72
N LEU A 72 8.81 -8.78 20.42
CA LEU A 72 8.65 -7.32 20.42
C LEU A 72 7.44 -7.04 21.31
N THR A 73 7.61 -6.15 22.28
CA THR A 73 6.52 -5.80 23.19
C THR A 73 6.13 -4.33 23.11
N ILE A 74 4.84 -4.07 23.10
CA ILE A 74 4.33 -2.70 23.08
C ILE A 74 3.68 -2.57 24.45
N SER A 75 4.28 -1.75 25.32
CA SER A 75 3.81 -1.56 26.69
C SER A 75 2.34 -1.16 26.84
N SER A 76 1.91 -0.17 26.05
CA SER A 76 0.54 0.31 26.09
C SER A 76 0.15 0.77 24.68
N VAL A 77 -0.66 -0.05 24.04
CA VAL A 77 -1.10 0.22 22.68
C VAL A 77 -1.82 1.54 22.41
N GLU A 78 -1.41 2.19 21.32
CA GLU A 78 -1.99 3.46 20.89
C GLU A 78 -2.61 3.23 19.51
N ALA A 79 -3.52 4.11 19.10
CA ALA A 79 -4.17 3.95 17.80
C ALA A 79 -3.16 3.92 16.66
N SER A 80 -2.10 4.70 16.81
CA SER A 80 -1.06 4.81 15.78
C SER A 80 -0.24 3.55 15.59
N ASP A 81 -0.46 2.56 16.44
CA ASP A 81 0.28 1.31 16.35
C ASP A 81 -0.32 0.32 15.36
N ALA A 82 -1.48 0.67 14.78
CA ALA A 82 -2.11 -0.17 13.77
C ALA A 82 -1.12 -0.26 12.61
N ALA A 83 -0.55 -1.45 12.41
CA ALA A 83 0.46 -1.63 11.36
C ALA A 83 0.91 -3.08 11.26
N ASP A 84 1.81 -3.35 10.32
CA ASP A 84 2.37 -4.68 10.16
C ASP A 84 3.74 -4.62 10.81
N TYR A 85 4.11 -5.66 11.54
CA TYR A 85 5.43 -5.71 12.21
C TYR A 85 6.18 -6.92 11.67
N TYR A 86 7.42 -6.69 11.25
CA TYR A 86 8.25 -7.75 10.67
C TYR A 86 9.56 -7.97 11.42
N CYS A 87 9.92 -9.23 11.66
CA CYS A 87 11.23 -9.47 12.26
C CYS A 87 12.17 -9.69 11.09
N HIS A 88 13.47 -9.60 11.36
CA HIS A 88 14.51 -9.66 10.33
C HIS A 88 15.84 -10.06 10.94
N GLN A 89 16.60 -10.86 10.21
CA GLN A 89 17.93 -11.25 10.67
C GLN A 89 18.90 -11.04 9.52
N TRP A 90 20.11 -10.59 9.85
CA TRP A 90 21.14 -10.43 8.83
C TRP A 90 22.43 -10.99 9.39
N SER A 91 22.30 -11.92 10.35
CA SER A 91 23.45 -12.59 10.95
C SER A 91 24.02 -13.62 9.99
N SER A 92 23.17 -14.12 9.09
CA SER A 92 23.55 -15.14 8.12
C SER A 92 22.97 -14.88 6.72
N TYR A 93 23.76 -15.15 5.69
CA TYR A 93 23.29 -14.97 4.31
C TYR A 93 22.50 -16.20 3.92
N PRO A 94 21.36 -16.03 3.24
CA PRO A 94 20.80 -14.74 2.84
C PRO A 94 20.07 -14.09 4.01
N TRP A 95 20.04 -12.76 4.04
CA TRP A 95 19.30 -12.06 5.10
C TRP A 95 17.85 -12.40 4.86
N THR A 96 17.08 -12.60 5.93
CA THR A 96 15.67 -12.97 5.79
C THR A 96 14.69 -12.17 6.65
N PHE A 97 13.41 -12.33 6.36
CA PHE A 97 12.33 -11.63 7.06
C PHE A 97 11.20 -12.56 7.44
N GLY A 98 10.52 -12.23 8.53
CA GLY A 98 9.37 -13.00 8.96
C GLY A 98 8.21 -12.60 8.03
N GLY A 99 7.11 -13.36 8.10
CA GLY A 99 5.96 -13.09 7.25
C GLY A 99 5.12 -11.92 7.71
N GLY A 100 5.44 -11.43 8.90
CA GLY A 100 4.75 -10.30 9.48
C GLY A 100 3.49 -10.58 10.29
N THR A 101 3.27 -9.76 11.31
CA THR A 101 2.07 -9.86 12.14
C THR A 101 1.38 -8.51 12.07
N LYS A 102 0.09 -8.51 11.73
CA LYS A 102 -0.66 -7.25 11.65
C LYS A 102 -1.29 -7.01 13.02
N LEU A 103 -1.11 -5.81 13.55
CA LEU A 103 -1.73 -5.48 14.84
C LEU A 103 -3.01 -4.67 14.57
N GLU A 104 -4.14 -5.21 15.01
CA GLU A 104 -5.42 -4.53 14.83
C GLU A 104 -5.81 -3.90 16.16
N ILE A 105 -6.35 -2.69 16.09
CA ILE A 105 -6.77 -1.96 17.29
C ILE A 105 -8.28 -2.05 17.50
N LYS A 106 -8.69 -2.46 18.69
CA LYS A 106 -10.12 -2.58 19.00
C LYS A 106 -10.76 -1.22 19.31
N ARG A 107 -12.01 -1.05 18.90
CA ARG A 107 -12.74 0.18 19.15
C ARG A 107 -14.23 -0.14 19.14
N ALA A 108 -15.06 0.87 19.29
CA ALA A 108 -16.51 0.69 19.30
C ALA A 108 -17.03 0.46 17.88
N ASP A 109 -18.07 -0.35 17.75
CA ASP A 109 -18.66 -0.59 16.44
C ASP A 109 -19.11 0.76 15.91
N ALA A 110 -19.01 0.95 14.60
CA ALA A 110 -19.42 2.22 14.01
C ALA A 110 -20.02 1.93 12.65
N ALA A 111 -21.20 2.50 12.38
CA ALA A 111 -21.84 2.28 11.09
C ALA A 111 -21.10 3.07 10.02
N PRO A 112 -21.07 2.56 8.79
CA PRO A 112 -20.36 3.31 7.77
C PRO A 112 -21.18 4.48 7.22
N THR A 113 -20.47 5.46 6.66
CA THR A 113 -21.08 6.60 6.00
C THR A 113 -21.09 6.07 4.57
N VAL A 114 -22.28 5.87 4.03
CA VAL A 114 -22.40 5.32 2.68
C VAL A 114 -22.75 6.36 1.63
N SER A 115 -22.07 6.28 0.50
CA SER A 115 -22.30 7.19 -0.61
C SER A 115 -22.35 6.39 -1.90
N ILE A 116 -23.43 6.55 -2.66
CA ILE A 116 -23.59 5.83 -3.91
C ILE A 116 -23.47 6.79 -5.09
N PHE A 117 -22.83 6.30 -6.16
CA PHE A 117 -22.62 7.11 -7.35
C PHE A 117 -22.98 6.40 -8.64
N PRO A 118 -23.80 7.04 -9.49
CA PRO A 118 -24.22 6.48 -10.76
C PRO A 118 -23.06 6.62 -11.75
N PRO A 119 -23.11 5.87 -12.86
CA PRO A 119 -22.05 5.93 -13.87
C PRO A 119 -21.93 7.38 -14.34
N SER A 120 -20.72 7.82 -14.63
CA SER A 120 -20.53 9.18 -15.11
C SER A 120 -20.95 9.21 -16.57
N SER A 121 -21.43 10.35 -17.04
CA SER A 121 -21.84 10.47 -18.44
C SER A 121 -20.66 10.09 -19.33
N GLU A 122 -19.46 10.42 -18.86
CA GLU A 122 -18.25 10.12 -19.61
C GLU A 122 -18.06 8.62 -19.81
N GLN A 123 -18.26 7.84 -18.75
CA GLN A 123 -18.07 6.42 -18.90
C GLN A 123 -19.12 5.84 -19.83
N LEU A 124 -20.35 6.30 -19.70
CA LEU A 124 -21.43 5.80 -20.54
C LEU A 124 -21.08 5.96 -22.02
N THR A 125 -20.51 7.10 -22.36
CA THR A 125 -20.13 7.36 -23.74
C THR A 125 -19.09 6.34 -24.26
N SER A 126 -18.33 5.75 -23.35
CA SER A 126 -17.33 4.77 -23.74
C SER A 126 -17.94 3.38 -23.87
N GLY A 127 -19.22 3.25 -23.51
CA GLY A 127 -19.89 1.97 -23.59
C GLY A 127 -19.92 1.17 -22.29
N GLY A 128 -19.33 1.73 -21.24
CA GLY A 128 -19.30 1.02 -19.97
C GLY A 128 -20.20 1.68 -18.94
N ALA A 129 -20.40 1.01 -17.82
CA ALA A 129 -21.22 1.57 -16.77
C ALA A 129 -20.86 0.97 -15.43
N SER A 130 -20.15 1.76 -14.61
CA SER A 130 -19.77 1.30 -13.29
C SER A 130 -20.54 2.09 -12.25
N VAL A 131 -21.06 1.39 -11.25
CA VAL A 131 -21.78 2.04 -10.18
C VAL A 131 -20.88 1.86 -8.97
N VAL A 132 -20.63 2.95 -8.25
CA VAL A 132 -19.73 2.90 -7.11
C VAL A 132 -20.37 3.23 -5.76
N CYS A 133 -19.94 2.53 -4.73
CA CYS A 133 -20.44 2.81 -3.38
C CYS A 133 -19.27 2.79 -2.41
N PHE A 134 -19.16 3.85 -1.62
CA PHE A 134 -18.12 3.95 -0.61
C PHE A 134 -18.78 3.69 0.75
N LEU A 135 -18.13 2.87 1.57
CA LEU A 135 -18.58 2.57 2.95
C LEU A 135 -17.41 3.07 3.76
N ASN A 136 -17.50 4.29 4.25
CA ASN A 136 -16.40 4.92 4.95
C ASN A 136 -16.49 5.01 6.47
N ASN A 137 -15.33 4.81 7.09
CA ASN A 137 -15.17 4.92 8.54
C ASN A 137 -16.10 4.07 9.40
N PHE A 138 -15.98 2.75 9.25
CA PHE A 138 -16.79 1.82 10.03
C PHE A 138 -15.93 0.85 10.85
N TYR A 139 -16.59 0.06 11.68
CA TYR A 139 -15.94 -0.92 12.52
C TYR A 139 -17.01 -1.90 12.98
N PRO A 140 -16.70 -3.22 13.05
CA PRO A 140 -15.42 -3.87 12.73
C PRO A 140 -15.12 -3.96 11.23
N LYS A 141 -13.98 -4.55 10.89
CA LYS A 141 -13.56 -4.70 9.50
C LYS A 141 -14.53 -5.51 8.68
N SER A 142 -15.05 -6.55 9.30
CA SER A 142 -15.99 -7.46 8.66
C SER A 142 -17.33 -6.77 8.46
N ILE A 143 -17.64 -6.44 7.22
CA ILE A 143 -18.90 -5.81 6.88
C ILE A 143 -19.36 -6.42 5.58
N ASN A 144 -20.66 -6.42 5.34
CA ASN A 144 -21.18 -6.97 4.10
C ASN A 144 -21.86 -5.92 3.26
N SER A 145 -21.51 -5.90 1.98
CA SER A 145 -22.11 -4.95 1.04
C SER A 145 -22.99 -5.75 0.10
N LYS A 146 -24.17 -5.21 -0.19
CA LYS A 146 -25.11 -5.89 -1.07
C LYS A 146 -25.63 -4.92 -2.12
N TRP A 147 -25.58 -5.35 -3.38
CA TRP A 147 -26.09 -4.54 -4.48
C TRP A 147 -27.42 -5.07 -4.95
N LYS A 148 -28.37 -4.18 -5.17
CA LYS A 148 -29.67 -4.56 -5.66
C LYS A 148 -30.02 -3.69 -6.87
N ILE A 149 -30.47 -4.35 -7.93
CA ILE A 149 -30.87 -3.68 -9.17
C ILE A 149 -32.36 -3.98 -9.31
N ASP A 150 -33.16 -2.92 -9.37
CA ASP A 150 -34.61 -3.06 -9.46
C ASP A 150 -35.11 -4.02 -8.38
N GLY A 151 -34.66 -3.79 -7.15
CA GLY A 151 -35.08 -4.61 -6.02
C GLY A 151 -34.55 -6.03 -5.89
N SER A 152 -33.69 -6.47 -6.81
CA SER A 152 -33.14 -7.81 -6.73
C SER A 152 -31.62 -7.79 -6.61
N GLU A 153 -31.09 -8.61 -5.71
CA GLU A 153 -29.66 -8.67 -5.48
C GLU A 153 -28.86 -9.05 -6.73
N ARG A 154 -27.73 -8.36 -6.91
CA ARG A 154 -26.84 -8.60 -8.03
C ARG A 154 -25.52 -8.99 -7.39
N GLN A 155 -25.03 -10.18 -7.71
CA GLN A 155 -23.79 -10.66 -7.12
C GLN A 155 -22.56 -10.59 -7.99
N ASN A 156 -22.71 -10.87 -9.28
CA ASN A 156 -21.58 -10.87 -10.19
C ASN A 156 -21.13 -9.48 -10.65
N GLY A 157 -19.84 -9.35 -10.96
CA GLY A 157 -19.31 -8.08 -11.42
C GLY A 157 -19.00 -7.06 -10.34
N VAL A 158 -18.95 -7.53 -9.09
CA VAL A 158 -18.67 -6.65 -7.95
C VAL A 158 -17.23 -6.77 -7.44
N LEU A 159 -16.54 -5.62 -7.36
CA LEU A 159 -15.15 -5.58 -6.90
C LEU A 159 -15.10 -4.80 -5.58
N ASN A 160 -14.62 -5.43 -4.51
CA ASN A 160 -14.57 -4.81 -3.19
C ASN A 160 -13.14 -4.67 -2.69
N SER A 161 -12.81 -3.50 -2.17
CA SER A 161 -11.46 -3.23 -1.66
C SER A 161 -11.52 -2.46 -0.34
N TRP A 162 -10.81 -2.98 0.67
CA TRP A 162 -10.75 -2.36 2.01
C TRP A 162 -9.45 -1.60 2.19
N THR A 163 -9.49 -0.51 2.96
CA THR A 163 -8.28 0.26 3.26
C THR A 163 -7.68 -0.40 4.50
N ASP A 164 -6.45 -0.02 4.83
CA ASP A 164 -5.82 -0.55 6.04
C ASP A 164 -6.52 0.20 7.19
N GLN A 165 -6.42 -0.32 8.41
CA GLN A 165 -7.04 0.34 9.56
C GLN A 165 -6.48 1.76 9.73
N ASP A 166 -7.36 2.72 10.04
CA ASP A 166 -6.95 4.12 10.20
C ASP A 166 -6.16 4.35 11.49
N SER A 167 -5.03 5.04 11.36
CA SER A 167 -4.13 5.34 12.47
C SER A 167 -4.71 6.27 13.52
N LYS A 168 -5.73 7.04 13.15
CA LYS A 168 -6.32 7.98 14.08
C LYS A 168 -7.61 7.51 14.77
N ASP A 169 -8.59 7.06 13.99
CA ASP A 169 -9.84 6.61 14.59
C ASP A 169 -10.06 5.12 14.57
N SER A 170 -9.06 4.37 14.14
CA SER A 170 -9.13 2.90 14.11
C SER A 170 -10.29 2.30 13.31
N THR A 171 -10.83 3.06 12.36
CA THR A 171 -11.91 2.53 11.52
C THR A 171 -11.35 2.00 10.21
N TYR A 172 -12.22 1.43 9.39
CA TYR A 172 -11.88 0.92 8.07
C TYR A 172 -12.81 1.58 7.08
N SER A 173 -12.46 1.54 5.80
CA SER A 173 -13.31 2.07 4.75
C SER A 173 -13.20 1.06 3.62
N MET A 174 -14.24 0.95 2.79
CA MET A 174 -14.22 0.00 1.69
C MET A 174 -14.93 0.61 0.48
N SER A 175 -14.49 0.23 -0.71
CA SER A 175 -15.08 0.70 -1.95
C SER A 175 -15.65 -0.51 -2.67
N SER A 176 -16.91 -0.42 -3.11
CA SER A 176 -17.55 -1.51 -3.83
C SER A 176 -17.93 -0.98 -5.20
N THR A 177 -17.45 -1.63 -6.25
CA THR A 177 -17.75 -1.22 -7.61
C THR A 177 -18.53 -2.30 -8.36
N LEU A 178 -19.73 -1.95 -8.81
CA LEU A 178 -20.56 -2.87 -9.57
C LEU A 178 -20.30 -2.54 -11.05
N THR A 179 -19.80 -3.50 -11.84
CA THR A 179 -19.49 -3.24 -13.24
C THR A 179 -20.53 -3.86 -14.16
N LEU A 180 -21.19 -3.01 -14.96
CA LEU A 180 -22.21 -3.45 -15.92
C LEU A 180 -21.84 -2.92 -17.30
N THR A 181 -22.58 -3.35 -18.31
CA THR A 181 -22.36 -2.82 -19.65
C THR A 181 -23.34 -1.65 -19.71
N LYS A 182 -23.14 -0.72 -20.65
CA LYS A 182 -24.05 0.42 -20.78
C LYS A 182 -25.49 -0.01 -21.07
N ASN A 183 -25.66 -0.98 -21.95
CA ASN A 183 -27.01 -1.44 -22.28
C ASN A 183 -27.67 -2.05 -21.07
N GLU A 184 -26.91 -2.84 -20.33
CA GLU A 184 -27.40 -3.50 -19.12
C GLU A 184 -27.92 -2.43 -18.17
N TYR A 185 -27.09 -1.43 -17.92
CA TYR A 185 -27.43 -0.32 -17.03
C TYR A 185 -28.72 0.40 -17.47
N GLU A 186 -28.82 0.66 -18.78
CA GLU A 186 -29.98 1.37 -19.32
C GLU A 186 -31.26 0.53 -19.33
N ARG A 187 -31.12 -0.76 -19.01
CA ARG A 187 -32.26 -1.67 -18.99
C ARG A 187 -32.95 -1.70 -17.63
N HIS A 188 -32.36 -1.03 -16.64
CA HIS A 188 -32.93 -1.00 -15.29
C HIS A 188 -32.90 0.41 -14.71
N ASN A 189 -33.71 0.67 -13.68
CA ASN A 189 -33.76 2.01 -13.11
C ASN A 189 -33.28 2.18 -11.68
N SER A 190 -33.66 1.25 -10.80
CA SER A 190 -33.29 1.34 -9.38
C SER A 190 -31.95 0.67 -9.05
N TYR A 191 -31.05 1.43 -8.43
CA TYR A 191 -29.73 0.89 -8.03
C TYR A 191 -29.52 1.17 -6.55
N THR A 192 -29.20 0.12 -5.80
CA THR A 192 -29.03 0.26 -4.36
C THR A 192 -27.84 -0.52 -3.81
N CYS A 193 -27.19 0.06 -2.80
CA CYS A 193 -26.13 -0.67 -2.12
C CYS A 193 -26.43 -0.57 -0.63
N GLU A 194 -26.41 -1.74 -0.02
CA GLU A 194 -26.73 -1.92 1.39
C GLU A 194 -25.50 -2.37 2.18
N ALA A 195 -25.26 -1.73 3.32
CA ALA A 195 -24.14 -2.08 4.18
C ALA A 195 -24.71 -2.73 5.45
N THR A 196 -24.36 -3.99 5.68
CA THR A 196 -24.86 -4.70 6.86
C THR A 196 -23.78 -5.48 7.61
N HIS A 197 -24.04 -5.75 8.89
CA HIS A 197 -23.11 -6.52 9.72
C HIS A 197 -23.87 -7.38 10.72
N LYS A 198 -24.54 -6.74 11.67
CA LYS A 198 -25.31 -7.47 12.67
C LYS A 198 -26.58 -6.73 13.10
N SER A 202 -31.35 -2.10 10.41
CA SER A 202 -29.96 -2.15 10.94
C SER A 202 -28.91 -1.68 9.93
N PRO A 203 -29.12 -1.99 8.63
CA PRO A 203 -28.16 -1.57 7.62
C PRO A 203 -28.25 -0.11 7.22
N ILE A 204 -27.26 0.34 6.47
CA ILE A 204 -27.22 1.70 5.96
C ILE A 204 -27.45 1.47 4.48
N VAL A 205 -28.49 2.10 3.94
CA VAL A 205 -28.83 1.92 2.53
C VAL A 205 -28.88 3.21 1.72
N LYS A 206 -28.29 3.20 0.53
CA LYS A 206 -28.34 4.37 -0.35
C LYS A 206 -28.74 3.87 -1.72
N SER A 207 -29.51 4.69 -2.45
CA SER A 207 -29.94 4.30 -3.77
C SER A 207 -30.26 5.48 -4.68
N PHE A 208 -30.45 5.20 -5.95
CA PHE A 208 -30.81 6.22 -6.94
C PHE A 208 -31.56 5.55 -8.08
N ASN A 209 -32.30 6.36 -8.83
CA ASN A 209 -33.05 5.89 -9.99
C ASN A 209 -32.34 6.51 -11.20
N ARG A 210 -32.00 5.67 -12.18
CA ARG A 210 -31.31 6.14 -13.37
C ARG A 210 -32.09 7.28 -14.03
N SER A 211 -33.41 7.18 -13.99
CA SER A 211 -34.29 8.19 -14.57
C SER A 211 -34.72 9.21 -13.52
N GLU B 1 17.47 15.39 7.09
CA GLU B 1 17.48 13.97 7.51
C GLU B 1 17.92 13.06 6.36
N VAL B 2 18.14 11.79 6.68
CA VAL B 2 18.56 10.82 5.67
C VAL B 2 17.41 10.60 4.70
N LYS B 3 17.70 10.71 3.40
CA LYS B 3 16.66 10.51 2.41
C LYS B 3 17.20 9.74 1.21
N LEU B 4 16.46 8.72 0.81
CA LEU B 4 16.82 7.88 -0.33
C LEU B 4 15.64 7.94 -1.30
N VAL B 5 15.91 8.19 -2.57
CA VAL B 5 14.84 8.27 -3.56
C VAL B 5 15.10 7.36 -4.76
N GLU B 6 14.28 6.33 -4.90
CA GLU B 6 14.42 5.39 -6.01
C GLU B 6 13.70 5.87 -7.27
N SER B 7 14.22 5.46 -8.41
CA SER B 7 13.60 5.77 -9.68
C SER B 7 14.01 4.70 -10.68
N GLY B 8 13.34 4.66 -11.82
CA GLY B 8 13.69 3.69 -12.84
C GLY B 8 12.73 2.54 -13.03
N GLY B 9 11.78 2.37 -12.13
CA GLY B 9 10.83 1.27 -12.26
C GLY B 9 9.98 1.33 -13.51
N GLY B 10 9.40 0.19 -13.88
CA GLY B 10 8.56 0.18 -15.07
C GLY B 10 8.11 -1.23 -15.39
N LEU B 11 7.43 -1.37 -16.53
CA LEU B 11 6.93 -2.65 -17.02
C LEU B 11 8.00 -3.21 -17.95
N VAL B 12 8.39 -4.47 -17.76
CA VAL B 12 9.40 -5.12 -18.60
C VAL B 12 8.93 -6.51 -18.98
N GLN B 13 9.25 -6.94 -20.20
CA GLN B 13 8.85 -8.28 -20.61
C GLN B 13 9.77 -9.31 -19.95
N PRO B 14 9.26 -10.53 -19.73
CA PRO B 14 10.06 -11.59 -19.11
C PRO B 14 11.33 -11.79 -19.94
N GLY B 15 12.47 -11.86 -19.27
CA GLY B 15 13.74 -12.05 -19.94
C GLY B 15 14.43 -10.73 -20.23
N GLY B 16 13.70 -9.64 -19.99
CA GLY B 16 14.22 -8.31 -20.22
C GLY B 16 15.12 -7.75 -19.13
N SER B 17 15.54 -6.52 -19.31
CA SER B 17 16.45 -5.84 -18.38
C SER B 17 15.92 -4.47 -17.97
N LEU B 18 16.34 -4.01 -16.81
CA LEU B 18 15.93 -2.72 -16.28
C LEU B 18 16.97 -2.24 -15.27
N LYS B 19 17.29 -0.95 -15.27
CA LYS B 19 18.25 -0.43 -14.33
C LYS B 19 17.60 0.58 -13.37
N LEU B 20 17.67 0.30 -12.06
CA LEU B 20 17.08 1.19 -11.07
C LEU B 20 18.17 2.09 -10.48
N SER B 21 17.79 3.30 -10.08
CA SER B 21 18.72 4.25 -9.46
C SER B 21 18.17 4.66 -8.11
N CYS B 22 19.07 5.12 -7.25
CA CYS B 22 18.72 5.56 -5.93
C CYS B 22 19.61 6.74 -5.54
N ALA B 23 19.01 7.93 -5.47
CA ALA B 23 19.73 9.16 -5.11
C ALA B 23 19.68 9.31 -3.59
N ALA B 24 20.85 9.48 -2.98
CA ALA B 24 20.94 9.58 -1.53
C ALA B 24 21.32 10.97 -1.04
N SER B 25 20.83 11.33 0.15
CA SER B 25 21.14 12.62 0.75
C SER B 25 20.92 12.60 2.26
N GLY B 26 21.53 13.55 2.96
CA GLY B 26 21.36 13.60 4.40
C GLY B 26 22.39 12.84 5.22
N PHE B 27 23.41 12.31 4.56
CA PHE B 27 24.47 11.57 5.24
C PHE B 27 25.65 11.42 4.30
N THR B 28 26.81 11.10 4.83
CA THR B 28 28.00 10.93 4.00
C THR B 28 27.92 9.58 3.31
N PHE B 29 27.38 9.59 2.10
CA PHE B 29 27.20 8.39 1.28
C PHE B 29 28.40 7.46 1.19
N SER B 30 29.56 8.03 0.90
CA SER B 30 30.78 7.24 0.73
C SER B 30 31.26 6.42 1.93
N THR B 31 30.78 6.74 3.12
CA THR B 31 31.23 6.00 4.30
C THR B 31 30.24 4.92 4.72
N TYR B 32 29.21 4.74 3.93
CA TYR B 32 28.17 3.76 4.24
C TYR B 32 27.97 2.64 3.22
N THR B 33 27.71 1.44 3.72
CA THR B 33 27.39 0.32 2.85
C THR B 33 25.94 0.62 2.46
N MET B 34 25.43 -0.02 1.42
CA MET B 34 24.06 0.21 0.97
C MET B 34 23.44 -1.12 0.53
N SER B 35 22.11 -1.17 0.46
CA SER B 35 21.42 -2.38 0.02
C SER B 35 20.15 -2.09 -0.77
N TRP B 36 19.61 -3.14 -1.38
CA TRP B 36 18.34 -3.07 -2.08
C TRP B 36 17.52 -4.17 -1.43
N ALA B 37 16.20 -3.97 -1.38
CA ALA B 37 15.24 -4.94 -0.84
C ALA B 37 14.01 -4.77 -1.71
N ARG B 38 13.02 -5.62 -1.52
CA ARG B 38 11.80 -5.50 -2.32
C ARG B 38 10.61 -6.06 -1.58
N GLN B 39 9.42 -5.61 -1.97
CA GLN B 39 8.20 -6.14 -1.37
C GLN B 39 7.40 -6.72 -2.52
N THR B 40 7.13 -8.01 -2.44
CA THR B 40 6.40 -8.68 -3.52
C THR B 40 4.92 -8.32 -3.52
N PRO B 41 4.21 -8.67 -4.61
CA PRO B 41 2.78 -8.38 -4.71
C PRO B 41 2.03 -9.05 -3.57
N GLU B 42 2.61 -10.12 -3.01
CA GLU B 42 1.98 -10.82 -1.87
C GLU B 42 2.28 -10.13 -0.54
N LYS B 43 3.07 -9.05 -0.62
CA LYS B 43 3.48 -8.23 0.52
C LYS B 43 4.65 -8.79 1.34
N LYS B 44 5.33 -9.79 0.80
CA LYS B 44 6.47 -10.40 1.50
C LYS B 44 7.69 -9.51 1.29
N LEU B 45 8.49 -9.35 2.34
CA LEU B 45 9.72 -8.55 2.25
C LEU B 45 10.91 -9.46 1.95
N GLU B 46 11.75 -9.05 1.01
CA GLU B 46 12.93 -9.81 0.62
C GLU B 46 14.18 -8.94 0.44
N TRP B 47 15.31 -9.44 0.92
CA TRP B 47 16.57 -8.73 0.73
C TRP B 47 17.01 -9.06 -0.71
N VAL B 48 17.50 -8.05 -1.42
CA VAL B 48 17.90 -8.21 -2.83
C VAL B 48 19.40 -8.11 -3.10
N ALA B 49 20.08 -7.17 -2.45
CA ALA B 49 21.51 -6.97 -2.68
C ALA B 49 22.20 -6.11 -1.64
N TYR B 50 23.52 -6.24 -1.54
CA TYR B 50 24.31 -5.50 -0.55
C TYR B 50 25.63 -5.10 -1.18
N ILE B 51 26.09 -3.87 -0.91
CA ILE B 51 27.36 -3.41 -1.49
C ILE B 51 28.22 -2.66 -0.48
N SER B 52 29.54 -2.86 -0.56
CA SER B 52 30.47 -2.21 0.35
C SER B 52 30.55 -0.70 0.09
N LYS B 53 31.10 0.04 1.04
CA LYS B 53 31.21 1.49 0.92
C LYS B 53 31.88 1.97 -0.37
N GLY B 54 32.91 1.26 -0.80
CA GLY B 54 33.63 1.62 -2.02
C GLY B 54 33.22 0.85 -3.26
N GLY B 55 32.30 -0.11 -3.10
CA GLY B 55 31.86 -0.89 -4.24
C GLY B 55 32.69 -2.13 -4.52
N GLY B 56 33.74 -2.34 -3.74
CA GLY B 56 34.62 -3.47 -3.95
C GLY B 56 34.06 -4.86 -3.64
N SER B 57 33.00 -4.92 -2.84
CA SER B 57 32.41 -6.21 -2.50
C SER B 57 30.89 -6.13 -2.63
N THR B 58 30.30 -7.20 -3.15
CA THR B 58 28.86 -7.27 -3.35
C THR B 58 28.35 -8.62 -2.90
N TYR B 59 27.11 -8.65 -2.41
CA TYR B 59 26.48 -9.88 -1.92
C TYR B 59 25.06 -9.95 -2.43
N TYR B 60 24.58 -11.16 -2.68
CA TYR B 60 23.24 -11.40 -3.20
C TYR B 60 22.66 -12.72 -2.73
N PRO B 61 21.33 -12.82 -2.70
CA PRO B 61 20.72 -14.08 -2.30
C PRO B 61 20.72 -14.94 -3.58
N ASP B 62 20.62 -16.25 -3.46
CA ASP B 62 20.65 -17.12 -4.65
C ASP B 62 19.54 -16.83 -5.68
N THR B 63 18.45 -16.25 -5.22
CA THR B 63 17.33 -15.95 -6.09
C THR B 63 17.62 -14.95 -7.21
N VAL B 64 18.62 -14.10 -7.00
CA VAL B 64 18.96 -13.09 -8.02
C VAL B 64 20.42 -13.08 -8.41
N LYS B 65 21.24 -13.85 -7.70
CA LYS B 65 22.65 -13.91 -8.00
C LYS B 65 22.85 -14.28 -9.47
N GLY B 66 23.78 -13.61 -10.11
CA GLY B 66 24.04 -13.88 -11.51
C GLY B 66 23.16 -13.13 -12.47
N ARG B 67 22.03 -12.59 -12.00
CA ARG B 67 21.13 -11.83 -12.86
C ARG B 67 21.08 -10.34 -12.50
N PHE B 68 21.23 -10.03 -11.23
CA PHE B 68 21.21 -8.64 -10.74
C PHE B 68 22.62 -8.18 -10.34
N THR B 69 22.91 -6.91 -10.57
CA THR B 69 24.19 -6.35 -10.18
C THR B 69 23.97 -5.03 -9.45
N ILE B 70 24.39 -4.98 -8.19
CA ILE B 70 24.28 -3.74 -7.44
C ILE B 70 25.60 -2.99 -7.67
N SER B 71 25.51 -1.68 -7.85
CA SER B 71 26.71 -0.88 -8.05
C SER B 71 26.47 0.52 -7.49
N ARG B 72 27.53 1.31 -7.40
CA ARG B 72 27.36 2.66 -6.87
C ARG B 72 28.34 3.64 -7.49
N ASP B 73 27.93 4.90 -7.57
CA ASP B 73 28.83 5.93 -8.11
C ASP B 73 28.86 6.99 -7.01
N ASN B 74 29.84 6.87 -6.11
CA ASN B 74 29.94 7.79 -4.99
C ASN B 74 30.01 9.26 -5.41
N ALA B 75 30.59 9.52 -6.57
CA ALA B 75 30.68 10.90 -7.06
C ALA B 75 29.28 11.47 -7.31
N LYS B 76 28.32 10.61 -7.65
CA LYS B 76 26.95 11.03 -7.92
C LYS B 76 26.03 10.80 -6.72
N ASN B 77 26.58 10.23 -5.65
CA ASN B 77 25.80 9.93 -4.46
C ASN B 77 24.61 9.09 -4.88
N THR B 78 24.85 8.14 -5.79
CA THR B 78 23.77 7.30 -6.31
C THR B 78 24.10 5.81 -6.26
N LEU B 79 23.09 5.00 -5.95
CA LEU B 79 23.21 3.54 -5.90
C LEU B 79 22.41 2.99 -7.08
N TYR B 80 22.84 1.86 -7.68
CA TYR B 80 22.11 1.30 -8.80
C TYR B 80 21.83 -0.17 -8.63
N LEU B 81 20.83 -0.66 -9.35
CA LEU B 81 20.50 -2.07 -9.38
C LEU B 81 20.21 -2.41 -10.84
N GLN B 82 21.16 -3.06 -11.50
CA GLN B 82 20.96 -3.45 -12.89
C GLN B 82 20.30 -4.81 -12.83
N MET B 83 19.12 -4.94 -13.43
CA MET B 83 18.44 -6.23 -13.45
C MET B 83 18.42 -6.77 -14.89
N SER B 84 18.65 -8.07 -15.03
CA SER B 84 18.63 -8.71 -16.35
C SER B 84 17.97 -10.08 -16.23
N SER B 85 17.61 -10.67 -17.37
CA SER B 85 16.93 -11.98 -17.44
C SER B 85 15.80 -11.99 -16.44
N LEU B 86 15.01 -10.92 -16.46
CA LEU B 86 13.93 -10.77 -15.49
C LEU B 86 12.89 -11.88 -15.57
N LYS B 87 12.36 -12.25 -14.40
CA LYS B 87 11.38 -13.31 -14.24
C LYS B 87 10.14 -12.77 -13.53
N SER B 88 9.01 -13.45 -13.67
CA SER B 88 7.79 -13.02 -13.01
C SER B 88 8.02 -12.92 -11.49
N GLU B 89 8.90 -13.75 -10.97
CA GLU B 89 9.19 -13.72 -9.54
C GLU B 89 9.91 -12.45 -9.11
N ASP B 90 10.31 -11.63 -10.08
CA ASP B 90 11.01 -10.39 -9.75
C ASP B 90 10.05 -9.20 -9.65
N THR B 91 8.77 -9.40 -9.97
CA THR B 91 7.79 -8.32 -9.88
C THR B 91 7.70 -7.87 -8.42
N ALA B 92 7.92 -6.58 -8.16
CA ALA B 92 7.89 -6.09 -6.78
C ALA B 92 8.16 -4.60 -6.71
N LEU B 93 7.96 -4.05 -5.52
CA LEU B 93 8.25 -2.64 -5.25
C LEU B 93 9.68 -2.75 -4.69
N TYR B 94 10.63 -2.12 -5.38
CA TYR B 94 12.03 -2.17 -4.96
C TYR B 94 12.44 -0.97 -4.12
N TYR B 95 13.07 -1.26 -2.98
CA TYR B 95 13.51 -0.23 -2.04
C TYR B 95 15.03 -0.16 -1.94
N CYS B 96 15.51 1.07 -1.79
CA CYS B 96 16.91 1.41 -1.58
C CYS B 96 17.02 1.55 -0.06
N ALA B 97 18.09 1.06 0.56
CA ALA B 97 18.20 1.20 2.01
C ALA B 97 19.61 1.48 2.40
N ARG B 98 19.82 2.23 3.48
CA ARG B 98 21.18 2.53 3.91
C ARG B 98 21.70 1.31 4.70
N GLY B 99 22.94 0.85 4.55
CA GLY B 99 23.37 -0.31 5.34
C GLY B 99 23.34 -1.63 4.59
N ALA B 100 23.47 -2.76 5.32
CA ALA B 100 23.63 -2.79 6.78
C ALA B 100 25.08 -2.58 7.27
N MET B 101 25.20 -2.05 8.51
CA MET B 101 26.50 -1.70 9.05
C MET B 101 26.89 -2.36 10.36
N PHE B 102 28.18 -2.63 10.52
CA PHE B 102 28.73 -3.20 11.74
C PHE B 102 29.35 -1.99 12.47
N GLY B 103 28.88 -1.67 13.68
CA GLY B 103 29.45 -0.52 14.36
C GLY B 103 28.97 -0.20 15.76
N ASN B 104 29.84 0.44 16.54
CA ASN B 104 29.53 0.82 17.91
C ASN B 104 29.10 -0.43 18.69
N ASP B 105 29.78 -1.54 18.42
CA ASP B 105 29.47 -2.80 19.07
C ASP B 105 28.00 -3.17 18.83
N PHE B 106 27.41 -2.52 17.82
CA PHE B 106 26.03 -2.76 17.45
C PHE B 106 25.96 -3.17 15.98
N LYS B 107 24.92 -3.93 15.65
CA LYS B 107 24.72 -4.37 14.27
C LYS B 107 23.51 -3.63 13.76
N TYR B 108 23.73 -2.65 12.87
CA TYR B 108 22.65 -1.86 12.34
C TYR B 108 22.17 -2.45 11.02
N PRO B 109 20.90 -2.86 10.99
CA PRO B 109 20.32 -3.44 9.79
C PRO B 109 19.96 -2.33 8.81
N MET B 110 19.55 -2.72 7.61
CA MET B 110 19.16 -1.77 6.57
C MET B 110 18.19 -0.76 7.18
N ASP B 111 18.42 0.52 6.95
CA ASP B 111 17.50 1.53 7.48
C ASP B 111 17.24 2.68 6.53
N ARG B 112 16.33 3.58 6.92
CA ARG B 112 15.97 4.73 6.09
C ARG B 112 15.56 4.28 4.69
N TRP B 113 14.75 3.24 4.59
CA TRP B 113 14.33 2.74 3.28
C TRP B 113 13.59 3.80 2.49
N GLY B 114 13.88 3.91 1.19
CA GLY B 114 13.16 4.87 0.38
C GLY B 114 11.72 4.41 0.20
N GLN B 115 10.89 5.20 -0.46
CA GLN B 115 9.49 4.79 -0.66
C GLN B 115 9.32 3.80 -1.82
N GLY B 116 10.42 3.59 -2.55
CA GLY B 116 10.44 2.60 -3.61
C GLY B 116 10.03 2.91 -5.04
N THR B 117 10.44 2.03 -5.95
CA THR B 117 10.07 2.17 -7.35
C THR B 117 9.53 0.81 -7.81
N SER B 118 8.38 0.82 -8.45
CA SER B 118 7.72 -0.42 -8.86
C SER B 118 8.18 -1.03 -10.17
N VAL B 119 8.34 -2.36 -10.14
CA VAL B 119 8.75 -3.12 -11.32
C VAL B 119 7.77 -4.28 -11.56
N THR B 120 7.25 -4.37 -12.78
CA THR B 120 6.36 -5.47 -13.12
C THR B 120 6.94 -6.20 -14.31
N VAL B 121 7.09 -7.51 -14.18
CA VAL B 121 7.62 -8.33 -15.26
C VAL B 121 6.44 -9.09 -15.84
N SER B 122 6.03 -8.71 -17.04
CA SER B 122 4.88 -9.32 -17.68
C SER B 122 4.97 -9.21 -19.19
N SER B 123 4.29 -10.12 -19.89
CA SER B 123 4.29 -10.11 -21.35
C SER B 123 3.17 -9.23 -21.88
N ALA B 124 2.30 -8.80 -20.97
CA ALA B 124 1.16 -7.95 -21.33
C ALA B 124 1.59 -6.51 -21.57
N ALA B 125 0.95 -5.85 -22.54
CA ALA B 125 1.30 -4.48 -22.85
C ALA B 125 0.65 -3.55 -21.84
N THR B 126 1.16 -2.33 -21.75
CA THR B 126 0.60 -1.38 -20.82
C THR B 126 -0.74 -0.86 -21.33
N THR B 127 -1.67 -0.64 -20.39
CA THR B 127 -2.99 -0.12 -20.75
C THR B 127 -3.25 1.06 -19.84
N PRO B 128 -3.55 2.23 -20.44
CA PRO B 128 -3.80 3.43 -19.64
C PRO B 128 -5.18 3.37 -18.95
N PRO B 129 -5.31 4.06 -17.81
CA PRO B 129 -6.60 4.04 -17.13
C PRO B 129 -7.57 5.03 -17.74
N SER B 130 -8.85 4.78 -17.52
CA SER B 130 -9.88 5.72 -17.93
C SER B 130 -10.24 6.30 -16.57
N VAL B 131 -10.20 7.62 -16.43
CA VAL B 131 -10.48 8.24 -15.16
C VAL B 131 -11.83 8.89 -15.19
N TYR B 132 -12.71 8.46 -14.30
CA TYR B 132 -14.07 9.00 -14.28
C TYR B 132 -14.40 9.71 -12.99
N PRO B 133 -15.16 10.82 -13.09
CA PRO B 133 -15.54 11.56 -11.89
C PRO B 133 -16.75 10.93 -11.22
N LEU B 134 -16.78 10.94 -9.89
CA LEU B 134 -17.92 10.40 -9.15
C LEU B 134 -18.60 11.54 -8.40
N ALA B 135 -19.75 11.96 -8.91
CA ALA B 135 -20.52 13.03 -8.30
C ALA B 135 -21.86 12.46 -7.86
N PRO B 136 -22.44 13.02 -6.78
CA PRO B 136 -23.74 12.57 -6.25
C PRO B 136 -24.81 12.56 -7.33
N GLY B 137 -25.65 11.53 -7.30
CA GLY B 137 -26.71 11.41 -8.29
C GLY B 137 -27.87 12.35 -8.04
N SER B 138 -28.19 12.59 -6.77
CA SER B 138 -29.31 13.47 -6.42
C SER B 138 -28.90 14.94 -6.41
N GLN B 141 -29.24 19.37 -1.66
CA GLN B 141 -28.34 18.45 -0.91
C GLN B 141 -28.90 18.05 0.43
N THR B 142 -28.40 16.92 0.94
CA THR B 142 -28.88 16.35 2.18
C THR B 142 -27.82 16.07 3.22
N ASN B 143 -26.70 16.78 3.17
CA ASN B 143 -25.65 16.57 4.15
C ASN B 143 -24.73 17.78 4.27
N SER B 144 -24.17 18.00 5.46
CA SER B 144 -23.25 19.13 5.68
C SER B 144 -21.85 18.80 5.15
N MET B 145 -21.62 17.52 4.88
CA MET B 145 -20.35 17.04 4.34
C MET B 145 -20.70 16.27 3.07
N VAL B 146 -20.01 16.56 1.98
CA VAL B 146 -20.29 15.85 0.74
C VAL B 146 -19.10 14.99 0.36
N THR B 147 -19.35 13.75 -0.05
CA THR B 147 -18.28 12.85 -0.45
C THR B 147 -18.29 12.73 -1.96
N LEU B 148 -17.12 12.92 -2.56
CA LEU B 148 -16.94 12.85 -4.00
C LEU B 148 -15.92 11.75 -4.26
N GLY B 149 -15.85 11.30 -5.50
CA GLY B 149 -14.91 10.23 -5.79
C GLY B 149 -14.28 10.32 -7.15
N CYS B 150 -13.37 9.39 -7.40
CA CYS B 150 -12.64 9.30 -8.65
C CYS B 150 -12.51 7.81 -8.95
N LEU B 151 -12.90 7.37 -10.15
CA LEU B 151 -12.79 5.95 -10.50
C LEU B 151 -11.67 5.87 -11.54
N VAL B 152 -10.65 5.06 -11.25
CA VAL B 152 -9.51 4.88 -12.14
C VAL B 152 -9.65 3.47 -12.65
N LYS B 153 -10.22 3.35 -13.85
CA LYS B 153 -10.54 2.05 -14.42
C LYS B 153 -9.77 1.44 -15.57
N GLY B 154 -9.55 0.13 -15.47
CA GLY B 154 -8.89 -0.67 -16.50
C GLY B 154 -7.48 -0.36 -16.94
N TYR B 155 -6.55 -0.33 -15.99
CA TYR B 155 -5.17 -0.04 -16.36
C TYR B 155 -4.23 -1.19 -16.04
N PHE B 156 -3.06 -1.15 -16.66
CA PHE B 156 -2.04 -2.16 -16.41
C PHE B 156 -0.71 -1.58 -16.78
N PRO B 157 0.30 -1.76 -15.91
CA PRO B 157 0.20 -2.48 -14.64
C PRO B 157 0.08 -1.47 -13.52
N GLU B 158 0.17 -1.94 -12.28
CA GLU B 158 0.16 -1.03 -11.13
C GLU B 158 1.52 -0.35 -11.23
N PRO B 159 1.68 0.83 -10.60
CA PRO B 159 0.67 1.54 -9.84
C PRO B 159 0.23 2.84 -10.51
N VAL B 160 -0.66 3.55 -9.82
CA VAL B 160 -1.13 4.86 -10.26
C VAL B 160 -1.02 5.73 -9.02
N THR B 161 -0.99 7.04 -9.23
CA THR B 161 -0.95 7.97 -8.10
C THR B 161 -2.21 8.81 -8.20
N VAL B 162 -2.85 9.06 -7.06
CA VAL B 162 -4.06 9.87 -7.04
C VAL B 162 -3.94 10.96 -5.99
N THR B 163 -4.27 12.19 -6.37
CA THR B 163 -4.24 13.31 -5.43
C THR B 163 -5.49 14.14 -5.71
N TRP B 164 -5.80 15.05 -4.79
CA TRP B 164 -6.95 15.92 -4.94
C TRP B 164 -6.50 17.38 -4.92
N ASN B 165 -6.94 18.14 -5.92
CA ASN B 165 -6.58 19.55 -6.07
C ASN B 165 -5.07 19.76 -6.08
N SER B 166 -4.39 18.96 -6.90
CA SER B 166 -2.94 19.03 -7.05
C SER B 166 -2.21 18.68 -5.77
N GLY B 167 -2.94 18.12 -4.82
CA GLY B 167 -2.34 17.75 -3.56
C GLY B 167 -2.67 18.73 -2.45
N SER B 168 -3.27 19.86 -2.80
CA SER B 168 -3.63 20.88 -1.81
C SER B 168 -4.76 20.38 -0.92
N LEU B 169 -5.49 19.37 -1.37
CA LEU B 169 -6.59 18.79 -0.60
C LEU B 169 -6.15 17.40 -0.17
N SER B 170 -5.70 17.27 1.08
CA SER B 170 -5.22 16.00 1.59
C SER B 170 -6.05 15.41 2.73
N SER B 171 -6.83 16.26 3.40
CA SER B 171 -7.67 15.81 4.50
C SER B 171 -8.94 15.14 3.99
N GLY B 172 -9.45 14.17 4.76
CA GLY B 172 -10.69 13.47 4.41
C GLY B 172 -10.64 12.63 3.14
N VAL B 173 -9.49 12.01 2.89
CA VAL B 173 -9.31 11.19 1.70
C VAL B 173 -9.10 9.72 1.99
N HIS B 174 -9.66 8.87 1.13
CA HIS B 174 -9.53 7.43 1.23
C HIS B 174 -9.24 6.89 -0.16
N THR B 175 -8.00 6.46 -0.42
CA THR B 175 -7.67 5.89 -1.71
C THR B 175 -7.59 4.39 -1.48
N PHE B 176 -8.43 3.66 -2.21
CA PHE B 176 -8.55 2.22 -2.05
C PHE B 176 -7.61 1.38 -2.88
N PRO B 177 -7.26 0.18 -2.38
CA PRO B 177 -6.37 -0.72 -3.11
C PRO B 177 -7.01 -1.16 -4.43
N ALA B 178 -6.19 -1.31 -5.46
CA ALA B 178 -6.68 -1.73 -6.77
C ALA B 178 -7.06 -3.21 -6.74
N VAL B 179 -8.05 -3.56 -7.55
CA VAL B 179 -8.50 -4.94 -7.67
C VAL B 179 -8.43 -5.39 -9.12
N LEU B 180 -7.96 -6.61 -9.33
CA LEU B 180 -7.83 -7.15 -10.68
C LEU B 180 -9.11 -7.82 -11.20
N LYS B 181 -9.45 -7.53 -12.46
CA LYS B 181 -10.61 -8.12 -13.12
C LYS B 181 -10.33 -8.19 -14.62
N SER B 182 -10.38 -9.40 -15.16
CA SER B 182 -10.11 -9.60 -16.59
C SER B 182 -8.77 -9.00 -17.01
N ASP B 183 -7.75 -9.24 -16.19
CA ASP B 183 -6.38 -8.80 -16.46
C ASP B 183 -6.09 -7.30 -16.35
N LEU B 184 -7.05 -6.54 -15.86
CA LEU B 184 -6.86 -5.09 -15.70
C LEU B 184 -7.23 -4.70 -14.28
N TYR B 185 -6.54 -3.69 -13.77
CA TYR B 185 -6.79 -3.17 -12.41
C TYR B 185 -7.78 -2.02 -12.37
N THR B 186 -8.55 -1.95 -11.30
CA THR B 186 -9.49 -0.85 -11.13
C THR B 186 -9.31 -0.36 -9.71
N LEU B 187 -9.26 0.95 -9.56
CA LEU B 187 -9.07 1.58 -8.25
C LEU B 187 -9.99 2.80 -8.09
N SER B 188 -10.23 3.21 -6.85
CA SER B 188 -11.07 4.39 -6.61
C SER B 188 -10.53 5.18 -5.43
N SER B 189 -10.98 6.41 -5.32
CA SER B 189 -10.56 7.29 -4.23
C SER B 189 -11.74 8.20 -3.88
N SER B 190 -11.99 8.39 -2.60
CA SER B 190 -13.07 9.27 -2.17
C SER B 190 -12.49 10.44 -1.38
N VAL B 191 -13.19 11.56 -1.37
CA VAL B 191 -12.76 12.70 -0.60
C VAL B 191 -14.04 13.32 -0.06
N THR B 192 -14.01 13.70 1.22
CA THR B 192 -15.19 14.26 1.85
C THR B 192 -14.88 15.70 2.23
N VAL B 193 -15.71 16.63 1.74
CA VAL B 193 -15.48 18.04 2.03
C VAL B 193 -16.76 18.72 2.53
N PRO B 194 -16.64 19.93 3.09
CA PRO B 194 -17.84 20.62 3.57
C PRO B 194 -18.74 20.96 2.39
N SER B 195 -20.04 20.79 2.57
CA SER B 195 -20.99 21.07 1.51
C SER B 195 -20.92 22.51 1.01
N SER B 196 -20.39 23.40 1.84
CA SER B 196 -20.28 24.80 1.44
C SER B 196 -19.08 25.03 0.52
N VAL B 197 -18.23 24.02 0.36
CA VAL B 197 -17.06 24.17 -0.50
C VAL B 197 -17.23 23.55 -1.90
N TRP B 198 -18.18 22.62 -2.05
CA TRP B 198 -18.44 22.02 -3.36
C TRP B 198 -19.97 21.96 -3.54
N PRO B 199 -20.48 22.30 -4.73
CA PRO B 199 -19.78 22.72 -5.95
C PRO B 199 -19.53 24.22 -6.09
N SER B 200 -19.67 24.96 -5.00
CA SER B 200 -19.44 26.41 -5.06
C SER B 200 -17.98 26.66 -5.44
N GLU B 201 -17.11 25.71 -5.09
CA GLU B 201 -15.69 25.79 -5.41
C GLU B 201 -15.26 24.53 -6.16
N THR B 202 -14.05 24.56 -6.71
CA THR B 202 -13.49 23.45 -7.51
C THR B 202 -12.86 22.29 -6.75
N VAL B 203 -13.13 21.07 -7.21
CA VAL B 203 -12.53 19.84 -6.65
C VAL B 203 -12.11 19.01 -7.85
N THR B 204 -10.83 18.68 -7.91
CA THR B 204 -10.28 17.93 -9.03
C THR B 204 -9.43 16.73 -8.59
N CYS B 205 -9.59 15.61 -9.29
CA CYS B 205 -8.86 14.39 -9.04
C CYS B 205 -7.67 14.37 -9.99
N ASN B 206 -6.44 14.24 -9.47
CA ASN B 206 -5.26 14.18 -10.34
C ASN B 206 -4.71 12.77 -10.36
N VAL B 207 -4.80 12.12 -11.51
CA VAL B 207 -4.34 10.74 -11.64
C VAL B 207 -3.16 10.60 -12.59
N ALA B 208 -2.17 9.82 -12.17
CA ALA B 208 -1.00 9.57 -13.00
C ALA B 208 -0.75 8.07 -13.09
N HIS B 209 -0.39 7.61 -14.30
CA HIS B 209 -0.07 6.22 -14.55
C HIS B 209 1.20 6.33 -15.38
N PRO B 210 2.35 6.37 -14.71
CA PRO B 210 3.68 6.49 -15.33
C PRO B 210 3.93 5.54 -16.50
N ALA B 211 3.63 4.26 -16.29
CA ALA B 211 3.86 3.24 -17.31
C ALA B 211 3.23 3.55 -18.66
N SER B 212 2.11 4.29 -18.67
CA SER B 212 1.45 4.60 -19.93
C SER B 212 1.57 6.08 -20.28
N SER B 213 2.45 6.79 -19.57
CA SER B 213 2.63 8.22 -19.81
C SER B 213 1.30 8.94 -19.67
N THR B 214 0.47 8.48 -18.74
CA THR B 214 -0.83 9.06 -18.55
C THR B 214 -0.94 9.99 -17.35
N THR B 215 -1.60 11.11 -17.57
CA THR B 215 -1.84 12.11 -16.54
C THR B 215 -3.24 12.61 -16.83
N VAL B 216 -4.08 12.66 -15.80
CA VAL B 216 -5.44 13.14 -15.96
C VAL B 216 -5.80 14.00 -14.77
N ASP B 217 -6.38 15.16 -15.02
CA ASP B 217 -6.81 16.06 -13.96
C ASP B 217 -8.31 16.21 -14.17
N LYS B 218 -9.05 15.29 -13.56
CA LYS B 218 -10.50 15.23 -13.70
C LYS B 218 -11.29 16.07 -12.72
N LYS B 219 -11.97 17.09 -13.25
CA LYS B 219 -12.78 17.97 -12.42
C LYS B 219 -14.06 17.23 -12.06
N ILE B 220 -14.48 17.39 -10.81
CA ILE B 220 -15.70 16.76 -10.34
C ILE B 220 -16.77 17.84 -10.41
N VAL B 221 -17.73 17.66 -11.29
CA VAL B 221 -18.77 18.66 -11.42
C VAL B 221 -20.12 18.06 -11.10
N PRO B 222 -21.03 18.88 -10.57
CA PRO B 222 -22.37 18.39 -10.21
C PRO B 222 -23.18 17.96 -11.42
N ARG B 223 -23.96 16.89 -11.24
CA ARG B 223 -24.79 16.35 -12.31
C ARG B 223 -26.02 17.23 -12.50
C TRS C . -6.29 4.92 5.32
C1 TRS C . -6.80 6.01 6.28
C2 TRS C . -6.01 3.64 6.09
C3 TRS C . -7.34 4.66 4.25
N TRS C . -5.05 5.39 4.69
O1 TRS C . -8.09 5.64 6.79
O2 TRS C . -4.87 3.81 6.94
O3 TRS C . -7.50 5.83 3.45
C1 IPA D . 23.86 -8.80 12.64
C2 IPA D . 24.87 -9.86 12.21
C3 IPA D . 26.17 -9.22 11.73
O2 IPA D . 25.12 -10.79 13.27
S SO4 E . -7.01 13.04 7.82
O1 SO4 E . -7.77 11.89 8.39
O2 SO4 E . -5.86 12.55 7.01
O3 SO4 E . -7.92 13.86 6.95
O4 SO4 E . -6.49 13.90 8.94
S SO4 F . -14.27 16.69 -18.70
O1 SO4 F . -14.11 16.02 -17.36
O2 SO4 F . -13.72 15.82 -19.78
O3 SO4 F . -15.73 16.93 -18.94
O4 SO4 F . -13.53 18.00 -18.67
S SO4 G . 35.61 -1.26 -0.78
O1 SO4 G . 35.11 -2.67 -0.75
O2 SO4 G . 35.46 -0.71 -2.17
O3 SO4 G . 34.83 -0.43 0.19
O4 SO4 G . 37.06 -1.25 -0.38
S SO4 H . 21.76 17.53 2.82
O1 SO4 H . 22.75 16.40 2.94
O2 SO4 H . 21.97 18.24 1.52
O3 SO4 H . 20.36 16.97 2.87
O4 SO4 H . 21.95 18.47 3.96
#